data_9IXR
#
_entry.id   9IXR
#
_cell.length_a   48.510
_cell.length_b   99.040
_cell.length_c   127.100
_cell.angle_alpha   90.00
_cell.angle_beta   90.00
_cell.angle_gamma   90.00
#
_symmetry.space_group_name_H-M   'P 21 21 21'
#
loop_
_entity.id
_entity.type
_entity.pdbx_description
1 polymer 'Beta-lactamase OXA-10'
2 non-polymer 1-({(2R)-2-[(1R)-1-{[(2Z)-2-(2-amino-1,3-thiazol-4-yl)-2-{[(2-carboxypropan-2-yl)oxy]imino}acetyl]amino}-2-oxoethyl]-4-carboxy-3,6-dihydro-2H-1,3-thiazin-5-yl}methyl)pyridinium
3 water water
#
_entity_poly.entity_id   1
_entity_poly.type   'polypeptide(L)'
_entity_poly.pdbx_seq_one_letter_code
;GHMSITENTSWNKEFSAEAVNGVFVLCKSSSKSCATNDLARASKEYLPASTFKIPNAIIGLETGVIKNEHQVFKWDGKPR
AMKQWERDLTLRGAIQVSAVPVFQQITREVGEVRMQKYLKKFSYGNQNISGGIDKFWLEGQLRISAVNQVEFLESLYLNK
LSASKENQLIVKEALVTEAAPEYLVHSKTGFSGVGTESNPGVAWWVGWVEKETEVYFFAFNMDIDNESKLPLRKSIPTKI
MESEGIIG
;
_entity_poly.pdbx_strand_id   A,B
#
loop_
_chem_comp.id
_chem_comp.type
_chem_comp.name
_chem_comp.formula
CTJ non-polymer 1-({(2R)-2-[(1R)-1-{[(2Z)-2-(2-amino-1,3-thiazol-4-yl)-2-{[(2-carboxypropan-2-yl)oxy]imino}acetyl]amino}-2-oxoethyl]-4-carboxy-3,6-dihydro-2H-1,3-thiazin-5-yl}methyl)pyridinium 'C22 H25 N6 O7 S2 1'
#
# COMPACT_ATOMS: atom_id res chain seq x y z
N GLY A 1 16.66 -19.10 -14.11
CA GLY A 1 15.60 -18.18 -14.60
C GLY A 1 15.48 -18.26 -16.12
N HIS A 2 14.78 -17.28 -16.70
CA HIS A 2 14.51 -17.16 -18.13
C HIS A 2 14.64 -15.69 -18.54
N MET A 3 15.56 -14.98 -17.86
CA MET A 3 15.78 -13.57 -18.11
C MET A 3 16.31 -13.38 -19.53
N SER A 4 15.72 -12.41 -20.27
CA SER A 4 16.34 -11.78 -21.43
C SER A 4 16.77 -10.36 -21.08
N ILE A 5 18.08 -10.07 -21.24
CA ILE A 5 18.66 -8.82 -20.77
C ILE A 5 19.55 -8.23 -21.86
N THR A 6 19.41 -6.92 -22.10
CA THR A 6 20.12 -6.19 -23.15
C THR A 6 21.02 -5.16 -22.47
N GLU A 7 22.29 -5.10 -22.89
CA GLU A 7 23.19 -4.07 -22.43
C GLU A 7 22.94 -2.81 -23.26
N ASN A 8 22.71 -1.69 -22.55
CA ASN A 8 22.56 -0.38 -23.15
C ASN A 8 23.55 0.56 -22.46
N THR A 9 24.73 0.76 -23.06
CA THR A 9 25.80 1.47 -22.39
C THR A 9 25.58 2.98 -22.40
N SER A 10 24.61 3.46 -23.19
CA SER A 10 24.22 4.86 -23.14
C SER A 10 23.78 5.25 -21.73
N TRP A 11 23.32 4.27 -20.93
CA TRP A 11 22.95 4.51 -19.54
C TRP A 11 24.15 4.82 -18.67
N ASN A 12 25.36 4.52 -19.14
CA ASN A 12 26.55 4.83 -18.36
C ASN A 12 26.76 6.34 -18.13
N LYS A 13 26.15 7.22 -18.93
CA LYS A 13 26.47 8.64 -18.79
C LYS A 13 26.02 9.19 -17.44
N GLU A 14 24.89 8.72 -16.91
CA GLU A 14 24.41 9.16 -15.60
C GLU A 14 25.40 8.78 -14.49
N PHE A 15 26.12 7.66 -14.68
CA PHE A 15 27.09 7.21 -13.70
C PHE A 15 28.39 7.98 -13.89
N SER A 16 28.89 8.06 -15.13
CA SER A 16 30.19 8.69 -15.34
C SER A 16 30.11 10.18 -15.01
N ALA A 17 28.97 10.83 -15.26
CA ALA A 17 28.77 12.21 -14.86
C ALA A 17 29.02 12.40 -13.36
N GLU A 18 28.73 11.39 -12.52
CA GLU A 18 28.84 11.54 -11.08
C GLU A 18 30.06 10.81 -10.52
N ALA A 19 30.92 10.27 -11.41
CA ALA A 19 32.12 9.54 -11.01
C ALA A 19 31.75 8.36 -10.09
N VAL A 20 30.90 7.48 -10.58
CA VAL A 20 30.32 6.40 -9.78
C VAL A 20 30.40 5.08 -10.57
N ASN A 21 30.76 4.00 -9.87
CA ASN A 21 30.69 2.67 -10.43
C ASN A 21 29.44 2.00 -9.84
N GLY A 22 28.53 1.60 -10.74
CA GLY A 22 27.45 0.74 -10.31
C GLY A 22 26.66 0.22 -11.50
N VAL A 23 25.49 -0.36 -11.20
CA VAL A 23 24.68 -0.95 -12.24
C VAL A 23 23.23 -0.63 -11.95
N PHE A 24 22.46 -0.52 -13.03
CA PHE A 24 21.03 -0.46 -12.92
C PHE A 24 20.45 -1.52 -13.85
N VAL A 25 19.48 -2.31 -13.32
CA VAL A 25 18.73 -3.30 -14.08
C VAL A 25 17.25 -2.92 -14.04
N LEU A 26 16.61 -2.85 -15.21
CA LEU A 26 15.24 -2.41 -15.32
C LEU A 26 14.49 -3.36 -16.25
N CYS A 27 13.37 -3.91 -15.77
CA CYS A 27 12.59 -4.89 -16.52
C CYS A 27 11.15 -4.43 -16.64
N LYS A 28 10.59 -4.50 -17.85
CA LYS A 28 9.22 -4.17 -18.13
C LYS A 28 8.39 -5.44 -18.24
N SER A 29 7.36 -5.54 -17.40
CA SER A 29 6.35 -6.60 -17.39
C SER A 29 6.85 -7.81 -16.61
N SER A 30 8.09 -8.22 -16.89
CA SER A 30 8.65 -9.50 -16.45
C SER A 30 10.16 -9.51 -16.71
N SER A 31 10.80 -10.60 -16.27
CA SER A 31 12.24 -10.75 -16.43
C SER A 31 12.56 -11.16 -17.87
N LYS A 32 11.54 -11.30 -18.73
CA LYS A 32 11.78 -11.61 -20.14
C LYS A 32 12.02 -10.34 -20.98
N SER A 33 12.10 -9.17 -20.34
CA SER A 33 12.35 -7.93 -21.06
C SER A 33 13.08 -6.92 -20.19
N CYS A 34 14.41 -7.10 -20.07
CA CYS A 34 15.26 -6.35 -19.16
C CYS A 34 16.40 -5.65 -19.90
N ALA A 35 16.89 -4.57 -19.27
CA ALA A 35 18.05 -3.86 -19.75
C ALA A 35 18.91 -3.40 -18.58
N THR A 36 20.21 -3.23 -18.84
CA THR A 36 21.19 -2.80 -17.85
C THR A 36 22.30 -1.99 -18.55
N ASN A 37 23.01 -1.18 -17.77
CA ASN A 37 24.14 -0.43 -18.27
C ASN A 37 25.38 -1.33 -18.41
N ASP A 38 25.41 -2.48 -17.70
CA ASP A 38 26.62 -3.27 -17.48
C ASP A 38 26.24 -4.71 -17.11
N LEU A 39 26.24 -5.55 -18.14
CA LEU A 39 25.90 -6.95 -18.04
C LEU A 39 26.70 -7.65 -16.95
N ALA A 40 28.03 -7.48 -16.93
CA ALA A 40 28.90 -8.15 -15.97
C ALA A 40 28.56 -7.79 -14.53
N ARG A 41 28.43 -6.49 -14.23
CA ARG A 41 28.12 -6.06 -12.87
C ARG A 41 26.67 -6.44 -12.51
N ALA A 42 25.80 -6.53 -13.52
CA ALA A 42 24.41 -6.89 -13.26
C ALA A 42 24.33 -8.24 -12.58
N SER A 43 25.23 -9.16 -12.95
CA SER A 43 25.24 -10.52 -12.43
C SER A 43 26.21 -10.67 -11.26
N LYS A 44 26.85 -9.59 -10.81
CA LYS A 44 27.85 -9.68 -9.77
C LYS A 44 27.17 -9.55 -8.41
N GLU A 45 27.55 -10.40 -7.45
CA GLU A 45 26.87 -10.50 -6.17
C GLU A 45 27.51 -9.54 -5.16
N TYR A 46 26.66 -8.77 -4.46
CA TYR A 46 27.10 -7.90 -3.38
C TYR A 46 26.33 -8.20 -2.11
N LEU A 47 26.92 -7.76 -1.00
CA LEU A 47 26.28 -7.74 0.30
C LEU A 47 24.91 -7.03 0.24
N PRO A 48 23.80 -7.64 0.71
CA PRO A 48 22.48 -7.02 0.57
C PRO A 48 22.17 -5.86 1.52
N ALA A 49 22.79 -5.89 2.70
CA ALA A 49 22.50 -4.92 3.74
C ALA A 49 20.99 -4.87 3.97
N SER A 50 20.40 -3.67 4.08
CA SER A 50 19.04 -3.55 4.55
C SER A 50 18.03 -4.10 3.53
N THR A 51 18.45 -4.40 2.28
CA THR A 51 17.55 -5.01 1.32
C THR A 51 17.14 -6.40 1.78
N PHE A 52 17.90 -6.96 2.75
CA PHE A 52 17.60 -8.29 3.25
C PHE A 52 16.32 -8.28 4.11
N LYS A 53 15.86 -7.09 4.49
CA LYS A 53 14.63 -6.96 5.25
C LYS A 53 13.44 -7.55 4.49
N ILE A 54 13.46 -7.51 3.16
CA ILE A 54 12.32 -8.03 2.41
C ILE A 54 12.17 -9.52 2.69
N PRO A 55 13.14 -10.39 2.37
CA PRO A 55 13.02 -11.82 2.72
C PRO A 55 12.93 -12.17 4.21
N ASN A 56 13.65 -11.41 5.04
CA ASN A 56 13.66 -11.58 6.48
C ASN A 56 12.25 -11.42 7.07
N ALA A 57 11.53 -10.40 6.63
CA ALA A 57 10.16 -10.17 7.05
C ALA A 57 9.28 -11.34 6.62
N ILE A 58 9.37 -11.75 5.35
CA ILE A 58 8.57 -12.88 4.91
C ILE A 58 8.86 -14.12 5.76
N ILE A 59 10.15 -14.37 6.03
CA ILE A 59 10.54 -15.55 6.79
C ILE A 59 10.05 -15.40 8.22
N GLY A 60 10.18 -14.21 8.79
CA GLY A 60 9.56 -13.93 10.08
C GLY A 60 8.09 -14.36 10.14
N LEU A 61 7.29 -14.00 9.12
CA LEU A 61 5.88 -14.30 9.15
C LEU A 61 5.66 -15.79 8.91
N GLU A 62 6.42 -16.38 7.99
CA GLU A 62 6.21 -17.78 7.68
C GLU A 62 6.47 -18.62 8.91
N THR A 63 7.52 -18.29 9.67
CA THR A 63 7.86 -19.10 10.81
C THR A 63 7.01 -18.76 12.03
N GLY A 64 6.30 -17.62 12.02
CA GLY A 64 5.46 -17.25 13.16
C GLY A 64 6.22 -16.51 14.27
N VAL A 65 7.48 -16.16 14.00
CA VAL A 65 8.26 -15.32 14.90
C VAL A 65 7.65 -13.92 14.90
N ILE A 66 7.21 -13.44 13.72
CA ILE A 66 6.35 -12.27 13.63
C ILE A 66 4.92 -12.79 13.64
N LYS A 67 4.15 -12.39 14.66
CA LYS A 67 2.87 -13.00 14.98
C LYS A 67 1.85 -12.63 13.91
N ASN A 68 1.87 -11.39 13.44
CA ASN A 68 0.95 -10.95 12.42
C ASN A 68 1.26 -9.51 12.00
N GLU A 69 0.43 -9.04 11.05
CA GLU A 69 0.68 -7.78 10.36
C GLU A 69 0.58 -6.60 11.33
N HIS A 70 -0.08 -6.80 12.47
CA HIS A 70 -0.38 -5.73 13.41
C HIS A 70 0.60 -5.72 14.61
N GLN A 71 1.61 -6.59 14.60
CA GLN A 71 2.52 -6.68 15.74
C GLN A 71 3.32 -5.40 15.92
N VAL A 72 3.48 -4.95 17.17
CA VAL A 72 4.32 -3.81 17.48
C VAL A 72 5.66 -4.32 18.04
N PHE A 73 6.76 -3.69 17.58
CA PHE A 73 8.10 -3.93 18.11
C PHE A 73 8.46 -2.79 19.05
N LYS A 74 8.44 -3.06 20.37
CA LYS A 74 8.61 -2.00 21.37
C LYS A 74 10.10 -1.76 21.59
N TRP A 75 10.50 -0.49 21.70
CA TRP A 75 11.83 -0.13 22.15
C TRP A 75 11.97 -0.39 23.65
N ASP A 76 12.97 -1.20 24.04
CA ASP A 76 13.21 -1.57 25.43
C ASP A 76 13.77 -0.39 26.26
N GLY A 77 14.23 0.69 25.60
CA GLY A 77 14.75 1.86 26.28
C GLY A 77 16.25 2.08 26.06
N LYS A 78 16.96 1.02 25.66
CA LYS A 78 18.41 1.03 25.52
C LYS A 78 18.80 1.67 24.20
N PRO A 79 19.88 2.49 24.11
CA PRO A 79 20.15 3.28 22.90
C PRO A 79 20.46 2.44 21.66
N ARG A 80 20.42 3.10 20.50
CA ARG A 80 20.50 2.42 19.22
C ARG A 80 21.22 3.34 18.24
N ALA A 81 21.74 2.76 17.15
CA ALA A 81 22.73 3.41 16.30
C ALA A 81 22.14 4.64 15.61
N MET A 82 20.81 4.70 15.48
CA MET A 82 20.13 5.87 14.93
C MET A 82 18.97 6.22 15.86
N LYS A 83 18.64 7.53 15.92
CA LYS A 83 17.63 8.00 16.84
C LYS A 83 16.25 7.60 16.31
N GLN A 84 16.05 7.74 15.00
CA GLN A 84 14.85 7.29 14.36
C GLN A 84 14.49 5.84 14.73
N TRP A 85 15.44 5.04 15.26
CA TRP A 85 15.09 3.68 15.68
C TRP A 85 14.67 3.60 17.15
N GLU A 86 14.73 4.72 17.89
CA GLU A 86 14.51 4.70 19.33
C GLU A 86 13.02 4.94 19.61
N ARG A 87 12.17 3.97 19.29
CA ARG A 87 10.71 4.11 19.42
C ARG A 87 10.03 2.77 19.12
N ASP A 88 8.76 2.70 19.51
CA ASP A 88 7.90 1.57 19.15
C ASP A 88 7.67 1.63 17.63
N LEU A 89 7.64 0.47 16.98
CA LEU A 89 7.53 0.40 15.53
C LEU A 89 6.58 -0.72 15.11
N THR A 90 5.79 -0.46 14.07
CA THR A 90 5.10 -1.51 13.36
C THR A 90 6.09 -2.23 12.44
N LEU A 91 5.63 -3.33 11.83
CA LEU A 91 6.39 -4.03 10.81
C LEU A 91 6.76 -3.07 9.69
N ARG A 92 5.78 -2.32 9.18
CA ARG A 92 6.03 -1.39 8.09
C ARG A 92 6.98 -0.27 8.54
N GLY A 93 6.78 0.23 9.75
CA GLY A 93 7.61 1.30 10.28
C GLY A 93 9.08 0.89 10.38
N ALA A 94 9.30 -0.34 10.87
CA ALA A 94 10.63 -0.89 11.05
C ALA A 94 11.32 -1.05 9.72
N ILE A 95 10.60 -1.58 8.72
CA ILE A 95 11.14 -1.69 7.38
C ILE A 95 11.45 -0.31 6.81
N GLN A 96 10.55 0.65 7.00
CA GLN A 96 10.65 1.92 6.30
C GLN A 96 11.77 2.77 6.89
N VAL A 97 11.96 2.73 8.21
CA VAL A 97 13.06 3.47 8.84
C VAL A 97 14.28 2.54 8.92
N SER A 98 14.11 1.27 8.55
CA SER A 98 15.23 0.38 8.33
C SER A 98 15.95 0.12 9.67
N ALA A 99 15.17 -0.42 10.62
CA ALA A 99 15.58 -0.65 11.99
C ALA A 99 16.25 -2.02 12.16
N VAL A 100 17.57 -2.03 11.92
CA VAL A 100 18.37 -3.25 11.94
C VAL A 100 18.13 -4.11 13.20
N PRO A 101 18.19 -3.54 14.43
CA PRO A 101 18.11 -4.40 15.63
C PRO A 101 16.81 -5.19 15.76
N VAL A 102 15.70 -4.60 15.27
CA VAL A 102 14.42 -5.31 15.23
C VAL A 102 14.61 -6.59 14.43
N PHE A 103 15.33 -6.47 13.31
CA PHE A 103 15.44 -7.59 12.39
C PHE A 103 16.52 -8.58 12.84
N GLN A 104 17.55 -8.12 13.55
CA GLN A 104 18.52 -9.04 14.14
C GLN A 104 17.80 -9.96 15.12
N GLN A 105 16.88 -9.38 15.89
CA GLN A 105 16.13 -10.14 16.88
C GLN A 105 15.22 -11.17 16.21
N ILE A 106 14.44 -10.75 15.19
CA ILE A 106 13.69 -11.71 14.40
C ILE A 106 14.60 -12.86 13.95
N THR A 107 15.76 -12.56 13.36
CA THR A 107 16.57 -13.62 12.78
C THR A 107 17.12 -14.57 13.85
N ARG A 108 17.55 -14.05 15.00
CA ARG A 108 17.95 -14.91 16.11
C ARG A 108 16.84 -15.90 16.42
N GLU A 109 15.58 -15.42 16.49
CA GLU A 109 14.45 -16.28 16.84
C GLU A 109 14.15 -17.28 15.71
N VAL A 110 14.41 -16.91 14.45
CA VAL A 110 14.16 -17.81 13.33
C VAL A 110 15.10 -19.01 13.42
N GLY A 111 16.40 -18.71 13.62
CA GLY A 111 17.46 -19.72 13.67
C GLY A 111 18.06 -20.07 12.31
N GLU A 112 19.29 -20.59 12.33
CA GLU A 112 20.07 -20.84 11.13
C GLU A 112 19.39 -21.90 10.27
N VAL A 113 18.79 -22.92 10.88
CA VAL A 113 18.28 -24.04 10.11
C VAL A 113 17.19 -23.51 9.19
N ARG A 114 16.24 -22.79 9.78
CA ARG A 114 15.05 -22.37 9.07
C ARG A 114 15.45 -21.25 8.12
N MET A 115 16.37 -20.39 8.55
CA MET A 115 16.88 -19.37 7.65
C MET A 115 17.46 -20.01 6.40
N GLN A 116 18.25 -21.07 6.59
CA GLN A 116 19.00 -21.67 5.51
C GLN A 116 18.00 -22.26 4.52
N LYS A 117 17.00 -22.94 5.07
CA LYS A 117 15.95 -23.57 4.28
C LYS A 117 15.24 -22.55 3.37
N TYR A 118 14.94 -21.36 3.90
CA TYR A 118 14.07 -20.43 3.22
C TYR A 118 14.86 -19.70 2.14
N LEU A 119 16.14 -19.42 2.40
CA LEU A 119 16.97 -18.78 1.39
C LEU A 119 17.19 -19.71 0.20
N LYS A 120 17.11 -21.02 0.44
CA LYS A 120 17.16 -22.02 -0.60
C LYS A 120 15.86 -21.99 -1.39
N LYS A 121 14.73 -21.96 -0.68
CA LYS A 121 13.43 -21.87 -1.34
C LYS A 121 13.35 -20.58 -2.17
N PHE A 122 13.93 -19.48 -1.71
CA PHE A 122 13.82 -18.21 -2.40
C PHE A 122 14.91 -17.99 -3.47
N SER A 123 15.87 -18.93 -3.61
CA SER A 123 17.05 -18.76 -4.44
C SER A 123 17.72 -17.41 -4.17
N TYR A 124 17.93 -17.11 -2.90
CA TYR A 124 18.38 -15.78 -2.53
C TYR A 124 19.91 -15.78 -2.51
N GLY A 125 20.50 -15.35 -3.64
CA GLY A 125 21.92 -15.10 -3.70
C GLY A 125 22.76 -16.37 -3.53
N ASN A 126 23.94 -16.22 -2.92
CA ASN A 126 24.87 -17.32 -2.69
C ASN A 126 24.43 -18.15 -1.50
N GLN A 127 23.39 -17.71 -0.78
CA GLN A 127 22.72 -18.47 0.26
C GLN A 127 23.66 -18.85 1.39
N ASN A 128 24.74 -18.08 1.53
CA ASN A 128 25.77 -18.31 2.52
C ASN A 128 25.44 -17.47 3.75
N ILE A 129 25.02 -18.11 4.85
CA ILE A 129 24.61 -17.37 6.04
C ILE A 129 25.67 -17.45 7.15
N SER A 130 26.93 -17.73 6.82
CA SER A 130 27.94 -17.76 7.86
C SER A 130 28.36 -16.33 8.14
N GLY A 131 28.92 -16.10 9.32
CA GLY A 131 29.36 -14.78 9.76
C GLY A 131 28.67 -14.33 11.05
N GLY A 132 27.86 -15.23 11.65
CA GLY A 132 26.98 -14.89 12.76
C GLY A 132 25.52 -14.77 12.31
N ILE A 133 24.61 -15.41 13.06
CA ILE A 133 23.19 -15.53 12.77
C ILE A 133 22.56 -14.13 12.66
N ASP A 134 23.15 -13.14 13.35
CA ASP A 134 22.61 -11.81 13.45
C ASP A 134 23.38 -10.83 12.58
N LYS A 135 24.28 -11.29 11.71
CA LYS A 135 25.01 -10.33 10.89
C LYS A 135 25.55 -10.91 9.58
N PHE A 136 25.05 -12.06 9.13
CA PHE A 136 25.51 -12.62 7.87
C PHE A 136 25.18 -11.69 6.68
N TRP A 137 24.09 -10.92 6.75
CA TRP A 137 23.71 -10.02 5.66
C TRP A 137 24.27 -8.62 5.84
N LEU A 138 25.01 -8.39 6.94
CA LEU A 138 25.49 -7.07 7.31
C LEU A 138 27.01 -6.98 7.21
N GLU A 139 27.73 -8.02 7.64
CA GLU A 139 29.18 -8.07 7.45
C GLU A 139 29.66 -9.51 7.28
N GLY A 140 28.74 -10.45 7.03
CA GLY A 140 29.07 -11.83 6.75
C GLY A 140 29.27 -12.06 5.27
N GLN A 141 28.91 -13.28 4.83
CA GLN A 141 29.29 -13.81 3.52
C GLN A 141 28.13 -13.84 2.53
N LEU A 142 26.92 -13.41 2.93
CA LEU A 142 25.78 -13.49 2.02
C LEU A 142 25.94 -12.44 0.95
N ARG A 143 25.76 -12.83 -0.31
CA ARG A 143 25.86 -11.90 -1.43
C ARG A 143 24.71 -12.14 -2.44
N ILE A 144 24.26 -11.08 -3.13
CA ILE A 144 23.23 -11.25 -4.15
C ILE A 144 23.44 -10.23 -5.28
N SER A 145 23.11 -10.61 -6.52
CA SER A 145 23.26 -9.71 -7.66
C SER A 145 22.00 -8.87 -7.86
N ALA A 146 22.13 -7.81 -8.68
CA ALA A 146 20.98 -7.03 -9.15
C ALA A 146 19.98 -7.89 -9.93
N VAL A 147 20.47 -8.75 -10.82
CA VAL A 147 19.63 -9.66 -11.58
C VAL A 147 18.81 -10.54 -10.65
N ASN A 148 19.45 -11.12 -9.65
CA ASN A 148 18.77 -11.99 -8.71
C ASN A 148 17.75 -11.22 -7.85
N GLN A 149 18.08 -9.98 -7.45
CA GLN A 149 17.12 -9.13 -6.74
C GLN A 149 15.85 -8.97 -7.56
N VAL A 150 16.00 -8.72 -8.86
CA VAL A 150 14.86 -8.50 -9.74
C VAL A 150 14.03 -9.79 -9.82
N GLU A 151 14.70 -10.93 -10.00
CA GLU A 151 13.98 -12.19 -10.11
C GLU A 151 13.17 -12.40 -8.85
N PHE A 152 13.80 -12.12 -7.69
CA PHE A 152 13.19 -12.30 -6.40
C PHE A 152 11.96 -11.40 -6.24
N LEU A 153 12.12 -10.13 -6.61
CA LEU A 153 11.06 -9.17 -6.48
C LEU A 153 9.87 -9.54 -7.37
N GLU A 154 10.16 -9.99 -8.58
CA GLU A 154 9.14 -10.42 -9.52
C GLU A 154 8.32 -11.57 -8.92
N SER A 155 9.00 -12.56 -8.36
CA SER A 155 8.31 -13.65 -7.69
C SER A 155 7.41 -13.12 -6.58
N LEU A 156 7.90 -12.15 -5.80
CA LEU A 156 7.09 -11.56 -4.74
C LEU A 156 5.89 -10.82 -5.34
N TYR A 157 6.12 -10.00 -6.36
CA TYR A 157 5.02 -9.28 -6.98
C TYR A 157 3.93 -10.28 -7.40
N LEU A 158 4.31 -11.44 -7.93
CA LEU A 158 3.32 -12.37 -8.46
C LEU A 158 2.85 -13.35 -7.38
N ASN A 159 3.30 -13.22 -6.14
CA ASN A 159 2.95 -14.15 -5.08
C ASN A 159 3.45 -15.56 -5.40
N LYS A 160 4.62 -15.69 -6.02
CA LYS A 160 5.13 -17.00 -6.40
C LYS A 160 6.27 -17.47 -5.50
N LEU A 161 6.69 -16.68 -4.50
CA LEU A 161 7.65 -17.18 -3.52
C LEU A 161 7.00 -18.36 -2.78
N SER A 162 7.84 -19.27 -2.27
CA SER A 162 7.36 -20.39 -1.46
C SER A 162 7.03 -19.91 -0.04
N ALA A 163 5.86 -19.29 0.05
CA ALA A 163 5.31 -18.73 1.27
C ALA A 163 3.85 -18.45 1.00
N SER A 164 3.05 -18.25 2.03
CA SER A 164 1.63 -17.95 1.85
C SER A 164 1.47 -16.66 1.05
N LYS A 165 0.40 -16.58 0.25
CA LYS A 165 0.04 -15.34 -0.42
C LYS A 165 -0.18 -14.21 0.59
N GLU A 166 -0.85 -14.52 1.71
CA GLU A 166 -1.09 -13.58 2.81
C GLU A 166 0.18 -12.87 3.24
N ASN A 167 1.25 -13.65 3.49
CA ASN A 167 2.50 -13.11 3.99
C ASN A 167 3.19 -12.24 2.94
N GLN A 168 3.09 -12.63 1.68
CA GLN A 168 3.72 -11.86 0.61
C GLN A 168 3.03 -10.50 0.50
N LEU A 169 1.69 -10.53 0.60
CA LEU A 169 0.86 -9.32 0.59
C LEU A 169 1.19 -8.44 1.79
N ILE A 170 1.37 -9.03 2.97
CA ILE A 170 1.69 -8.20 4.12
C ILE A 170 3.00 -7.45 3.85
N VAL A 171 3.98 -8.14 3.28
CA VAL A 171 5.28 -7.50 3.09
C VAL A 171 5.23 -6.48 1.96
N LYS A 172 4.42 -6.73 0.93
CA LYS A 172 4.30 -5.77 -0.15
C LYS A 172 3.71 -4.46 0.37
N GLU A 173 2.70 -4.56 1.25
CA GLU A 173 2.06 -3.46 1.96
C GLU A 173 3.13 -2.67 2.73
N ALA A 174 4.06 -3.37 3.38
CA ALA A 174 5.11 -2.67 4.13
C ALA A 174 6.08 -1.94 3.21
N LEU A 175 6.17 -2.32 1.92
CA LEU A 175 7.18 -1.75 1.03
C LEU A 175 6.70 -0.54 0.22
N VAL A 176 5.40 -0.19 0.26
CA VAL A 176 4.90 0.94 -0.51
C VAL A 176 5.63 2.21 -0.08
N THR A 177 6.17 2.96 -1.03
CA THR A 177 6.85 4.20 -0.67
C THR A 177 6.29 5.41 -1.41
N GLU A 178 5.46 5.20 -2.44
CA GLU A 178 4.80 6.33 -3.08
C GLU A 178 3.48 5.87 -3.70
N ALA A 179 2.40 6.65 -3.49
CA ALA A 179 1.07 6.22 -3.91
C ALA A 179 0.32 7.39 -4.53
N ALA A 180 -0.27 7.12 -5.71
CA ALA A 180 -1.06 8.06 -6.48
C ALA A 180 -2.09 7.27 -7.29
N PRO A 181 -3.19 7.90 -7.78
CA PRO A 181 -4.27 7.15 -8.43
C PRO A 181 -3.80 6.11 -9.45
N GLU A 182 -2.83 6.46 -10.30
CA GLU A 182 -2.32 5.50 -11.26
C GLU A 182 -0.79 5.49 -11.27
N TYR A 183 -0.19 5.55 -10.08
CA TYR A 183 1.26 5.45 -9.95
C TYR A 183 1.59 4.94 -8.56
N LEU A 184 2.25 3.78 -8.46
CA LEU A 184 2.48 3.12 -7.18
C LEU A 184 3.91 2.56 -7.21
N VAL A 185 4.72 2.92 -6.19
CA VAL A 185 6.08 2.47 -6.04
C VAL A 185 6.19 1.65 -4.77
N HIS A 186 6.73 0.42 -4.92
CA HIS A 186 7.24 -0.38 -3.81
C HIS A 186 8.76 -0.41 -3.89
N SER A 187 9.48 -0.12 -2.80
CA SER A 187 10.93 0.00 -2.88
C SER A 187 11.60 -0.20 -1.52
N LYS A 188 12.89 -0.57 -1.56
CA LYS A 188 13.69 -0.72 -0.36
C LYS A 188 15.12 -0.27 -0.65
N THR A 189 15.69 0.51 0.29
CA THR A 189 17.07 0.99 0.22
C THR A 189 18.01 0.09 1.02
N GLY A 190 19.30 0.18 0.70
CA GLY A 190 20.36 -0.42 1.52
C GLY A 190 21.66 0.37 1.40
N PHE A 191 22.50 0.27 2.44
CA PHE A 191 23.77 0.99 2.53
C PHE A 191 24.65 0.30 3.55
N SER A 192 25.89 -0.07 3.18
CA SER A 192 26.70 -0.86 4.09
C SER A 192 27.70 0.02 4.87
N GLY A 193 27.63 1.34 4.70
CA GLY A 193 28.71 2.22 5.12
C GLY A 193 29.73 2.45 4.01
N VAL A 194 30.78 3.18 4.36
CA VAL A 194 31.72 3.71 3.38
C VAL A 194 32.89 2.75 3.17
N GLY A 195 32.90 1.59 3.84
CA GLY A 195 34.00 0.64 3.76
C GLY A 195 35.35 1.33 3.96
N THR A 196 36.17 1.39 2.89
CA THR A 196 37.28 2.32 2.75
C THR A 196 37.27 2.88 1.31
N GLU A 197 38.46 3.24 0.80
CA GLU A 197 38.63 3.65 -0.58
C GLU A 197 39.27 2.51 -1.38
N SER A 198 39.94 1.59 -0.69
CA SER A 198 40.49 0.36 -1.28
C SER A 198 39.38 -0.67 -1.50
N ASN A 199 38.50 -0.80 -0.49
CA ASN A 199 37.36 -1.71 -0.49
C ASN A 199 36.09 -0.93 -0.17
N PRO A 200 35.43 -0.26 -1.16
CA PRO A 200 34.25 0.57 -0.88
C PRO A 200 33.04 -0.21 -0.37
N GLY A 201 32.13 0.52 0.30
CA GLY A 201 30.83 -0.02 0.67
C GLY A 201 29.87 -0.07 -0.52
N VAL A 202 28.66 -0.61 -0.29
CA VAL A 202 27.67 -0.72 -1.37
C VAL A 202 26.40 0.02 -0.94
N ALA A 203 25.78 0.71 -1.91
CA ALA A 203 24.43 1.23 -1.76
C ALA A 203 23.49 0.57 -2.79
N TRP A 204 22.26 0.28 -2.34
CA TRP A 204 21.20 -0.36 -3.12
C TRP A 204 19.94 0.49 -3.19
N TRP A 205 19.21 0.38 -4.32
CA TRP A 205 17.80 0.68 -4.35
C TRP A 205 17.12 -0.36 -5.22
N VAL A 206 16.14 -1.07 -4.65
CA VAL A 206 15.48 -2.13 -5.39
C VAL A 206 13.98 -1.94 -5.25
N GLY A 207 13.23 -2.36 -6.26
CA GLY A 207 11.79 -2.43 -6.09
C GLY A 207 11.06 -2.56 -7.41
N TRP A 208 9.86 -1.98 -7.46
CA TRP A 208 9.07 -1.97 -8.69
C TRP A 208 8.13 -0.77 -8.69
N VAL A 209 7.78 -0.39 -9.92
CA VAL A 209 6.92 0.76 -10.22
C VAL A 209 5.74 0.24 -11.05
N GLU A 210 4.52 0.53 -10.59
CA GLU A 210 3.31 0.34 -11.38
C GLU A 210 2.83 1.70 -11.89
N LYS A 211 2.50 1.76 -13.18
CA LYS A 211 2.08 2.97 -13.86
C LYS A 211 1.06 2.55 -14.89
N GLU A 212 -0.17 3.02 -14.69
CA GLU A 212 -1.30 2.55 -15.49
C GLU A 212 -1.38 1.03 -15.35
N THR A 213 -1.31 0.31 -16.49
CA THR A 213 -1.42 -1.13 -16.46
C THR A 213 -0.07 -1.81 -16.67
N GLU A 214 1.04 -1.06 -16.54
CA GLU A 214 2.34 -1.68 -16.71
C GLU A 214 3.04 -1.81 -15.36
N VAL A 215 4.00 -2.75 -15.26
CA VAL A 215 4.87 -2.82 -14.08
C VAL A 215 6.33 -2.84 -14.52
N TYR A 216 7.22 -2.19 -13.77
CA TYR A 216 8.64 -2.15 -14.06
C TYR A 216 9.43 -2.56 -12.81
N PHE A 217 10.21 -3.65 -12.90
CA PHE A 217 11.06 -4.03 -11.79
C PHE A 217 12.45 -3.39 -11.94
N PHE A 218 13.07 -2.99 -10.84
CA PHE A 218 14.39 -2.42 -10.91
C PHE A 218 15.28 -2.86 -9.73
N ALA A 219 16.59 -2.84 -9.98
CA ALA A 219 17.59 -2.95 -8.92
C ALA A 219 18.81 -2.12 -9.29
N PHE A 220 19.28 -1.35 -8.32
CA PHE A 220 20.42 -0.47 -8.49
C PHE A 220 21.38 -0.76 -7.36
N ASN A 221 22.67 -0.85 -7.68
CA ASN A 221 23.70 -0.82 -6.65
C ASN A 221 24.85 0.01 -7.19
N MET A 222 25.65 0.53 -6.26
CA MET A 222 26.82 1.31 -6.58
C MET A 222 27.87 1.16 -5.47
N ASP A 223 29.15 1.30 -5.83
CA ASP A 223 30.21 1.40 -4.85
C ASP A 223 30.16 2.78 -4.23
N ILE A 224 30.28 2.85 -2.90
CA ILE A 224 30.22 4.12 -2.20
C ILE A 224 31.33 4.18 -1.15
N ASP A 225 32.19 5.20 -1.28
CA ASP A 225 33.27 5.44 -0.33
C ASP A 225 33.10 6.80 0.33
N ASN A 226 31.95 7.45 0.09
CA ASN A 226 31.73 8.80 0.58
C ASN A 226 30.22 8.99 0.78
N GLU A 227 29.83 9.27 2.03
CA GLU A 227 28.42 9.35 2.40
C GLU A 227 27.71 10.50 1.66
N SER A 228 28.46 11.46 1.11
CA SER A 228 27.84 12.54 0.38
C SER A 228 27.27 12.07 -0.96
N LYS A 229 27.69 10.90 -1.44
CA LYS A 229 27.25 10.41 -2.74
C LYS A 229 26.00 9.54 -2.62
N LEU A 230 25.51 9.36 -1.39
CA LEU A 230 24.42 8.44 -1.13
C LEU A 230 23.13 8.82 -1.85
N PRO A 231 22.76 10.11 -2.02
CA PRO A 231 21.58 10.49 -2.81
C PRO A 231 21.54 9.95 -4.25
N LEU A 232 22.71 9.65 -4.79
CA LEU A 232 22.77 9.16 -6.15
C LEU A 232 22.07 7.80 -6.28
N ARG A 233 21.95 7.06 -5.19
CA ARG A 233 21.31 5.77 -5.29
C ARG A 233 19.85 5.90 -5.71
N LYS A 234 19.23 7.09 -5.58
CA LYS A 234 17.88 7.29 -6.09
C LYS A 234 17.87 8.17 -7.34
N SER A 235 18.75 9.16 -7.41
CA SER A 235 18.70 10.10 -8.52
C SER A 235 19.13 9.41 -9.83
N ILE A 236 20.10 8.50 -9.78
CA ILE A 236 20.54 7.89 -11.03
C ILE A 236 19.41 7.01 -11.58
N PRO A 237 18.86 6.06 -10.79
CA PRO A 237 17.72 5.26 -11.27
C PRO A 237 16.55 6.14 -11.73
N THR A 238 16.23 7.16 -10.95
CA THR A 238 15.14 8.06 -11.30
C THR A 238 15.36 8.67 -12.68
N LYS A 239 16.58 9.18 -12.95
CA LYS A 239 16.89 9.80 -14.23
C LYS A 239 16.82 8.81 -15.38
N ILE A 240 17.30 7.58 -15.18
CA ILE A 240 17.23 6.60 -16.25
C ILE A 240 15.76 6.30 -16.56
N MET A 241 14.94 6.16 -15.52
CA MET A 241 13.53 5.83 -15.73
C MET A 241 12.77 7.00 -16.34
N GLU A 242 13.14 8.25 -15.97
CA GLU A 242 12.59 9.45 -16.59
C GLU A 242 12.85 9.46 -18.08
N SER A 243 14.08 9.10 -18.47
CA SER A 243 14.46 9.11 -19.87
C SER A 243 13.81 7.95 -20.63
N GLU A 244 13.15 7.01 -19.91
CA GLU A 244 12.54 5.86 -20.56
C GLU A 244 11.04 6.04 -20.68
N GLY A 245 10.43 6.90 -19.86
CA GLY A 245 9.00 7.15 -19.94
C GLY A 245 8.28 6.82 -18.65
N ILE A 246 9.01 6.42 -17.63
CA ILE A 246 8.37 5.85 -16.47
C ILE A 246 8.04 6.95 -15.47
N ILE A 247 9.07 7.57 -14.89
CA ILE A 247 8.84 8.58 -13.87
C ILE A 247 8.43 9.90 -14.54
N GLY A 248 8.96 10.16 -15.74
CA GLY A 248 8.82 11.45 -16.39
C GLY A 248 7.38 11.79 -16.71
N GLY B 1 -22.31 -3.92 17.49
CA GLY B 1 -22.27 -3.61 18.94
C GLY B 1 -21.03 -2.82 19.31
N HIS B 2 -20.92 -2.52 20.60
CA HIS B 2 -19.70 -2.22 21.31
C HIS B 2 -19.11 -0.83 20.99
N MET B 3 -19.72 -0.05 20.07
CA MET B 3 -19.21 1.31 19.85
C MET B 3 -19.52 2.19 21.07
N SER B 4 -18.50 2.93 21.54
CA SER B 4 -18.63 4.08 22.44
C SER B 4 -18.33 5.40 21.72
N ILE B 5 -19.30 6.31 21.68
CA ILE B 5 -19.17 7.52 20.89
C ILE B 5 -19.55 8.74 21.71
N THR B 6 -18.79 9.83 21.54
CA THR B 6 -19.02 11.05 22.28
C THR B 6 -19.36 12.18 21.31
N GLU B 7 -20.40 12.94 21.62
CA GLU B 7 -20.68 14.16 20.90
C GLU B 7 -19.76 15.28 21.41
N ASN B 8 -19.13 15.98 20.47
CA ASN B 8 -18.32 17.15 20.74
C ASN B 8 -18.79 18.24 19.77
N THR B 9 -19.61 19.15 20.26
CA THR B 9 -20.24 20.14 19.38
C THR B 9 -19.25 21.21 18.94
N SER B 10 -18.01 21.25 19.48
CA SER B 10 -17.06 22.25 19.04
C SER B 10 -16.58 21.94 17.62
N TRP B 11 -16.80 20.69 17.16
CA TRP B 11 -16.43 20.30 15.81
C TRP B 11 -17.44 20.83 14.77
N ASN B 12 -18.58 21.37 15.23
CA ASN B 12 -19.53 22.02 14.31
C ASN B 12 -18.93 23.30 13.72
N LYS B 13 -17.86 23.83 14.31
CA LYS B 13 -17.28 25.11 13.89
C LYS B 13 -16.93 25.09 12.40
N GLU B 14 -16.26 24.03 11.94
CA GLU B 14 -15.79 23.93 10.56
C GLU B 14 -16.98 23.79 9.61
N PHE B 15 -18.03 23.09 10.04
CA PHE B 15 -19.24 22.94 9.26
C PHE B 15 -19.97 24.28 9.05
N SER B 16 -20.25 25.01 10.15
CA SER B 16 -21.03 26.24 10.07
C SER B 16 -20.24 27.35 9.41
N ALA B 17 -18.91 27.32 9.51
CA ALA B 17 -18.06 28.27 8.82
C ALA B 17 -18.20 28.14 7.30
N GLU B 18 -18.72 27.02 6.79
CA GLU B 18 -18.88 26.84 5.36
C GLU B 18 -20.35 26.64 5.00
N ALA B 19 -21.23 26.79 5.99
CA ALA B 19 -22.65 26.63 5.77
C ALA B 19 -22.96 25.24 5.21
N VAL B 20 -22.47 24.20 5.90
CA VAL B 20 -22.66 22.83 5.46
C VAL B 20 -23.30 22.01 6.56
N ASN B 21 -24.25 21.16 6.20
CA ASN B 21 -24.82 20.15 7.05
C ASN B 21 -24.09 18.82 6.82
N GLY B 22 -23.45 18.31 7.86
CA GLY B 22 -22.70 17.07 7.73
C GLY B 22 -22.31 16.46 9.06
N VAL B 23 -21.60 15.32 8.97
CA VAL B 23 -21.14 14.63 10.17
C VAL B 23 -19.74 14.08 9.93
N PHE B 24 -18.93 14.15 11.00
CA PHE B 24 -17.63 13.53 11.05
C PHE B 24 -17.60 12.59 12.25
N VAL B 25 -17.15 11.36 12.00
CA VAL B 25 -16.95 10.34 13.03
C VAL B 25 -15.47 9.96 12.96
N LEU B 26 -14.78 10.08 14.10
CA LEU B 26 -13.36 9.78 14.23
C LEU B 26 -13.15 8.89 15.44
N CYS B 27 -12.46 7.77 15.24
CA CYS B 27 -12.24 6.79 16.31
C CYS B 27 -10.74 6.53 16.46
N LYS B 28 -10.24 6.49 17.69
CA LYS B 28 -8.84 6.20 17.92
C LYS B 28 -8.73 4.75 18.41
N SER B 29 -7.92 3.96 17.69
CA SER B 29 -7.51 2.61 18.05
C SER B 29 -8.59 1.62 17.63
N SER B 30 -9.84 1.95 17.98
CA SER B 30 -10.96 1.06 17.76
C SER B 30 -12.28 1.81 17.90
N SER B 31 -13.38 1.08 17.68
CA SER B 31 -14.71 1.64 17.80
C SER B 31 -15.11 1.88 19.26
N LYS B 32 -14.29 1.44 20.22
CA LYS B 32 -14.51 1.69 21.63
C LYS B 32 -14.11 3.12 22.03
N SER B 33 -13.52 3.90 21.12
CA SER B 33 -13.25 5.28 21.48
C SER B 33 -13.49 6.26 20.32
N CYS B 34 -14.75 6.65 20.10
CA CYS B 34 -15.13 7.48 18.96
C CYS B 34 -15.70 8.82 19.38
N ALA B 35 -15.55 9.80 18.48
CA ALA B 35 -16.15 11.10 18.66
C ALA B 35 -16.78 11.61 17.36
N THR B 36 -17.77 12.48 17.51
CA THR B 36 -18.55 13.02 16.42
C THR B 36 -19.09 14.39 16.81
N ASN B 37 -19.40 15.19 15.78
CA ASN B 37 -20.02 16.49 15.94
C ASN B 37 -21.54 16.36 16.10
N ASP B 38 -22.13 15.23 15.66
CA ASP B 38 -23.59 15.09 15.65
C ASP B 38 -23.97 13.61 15.74
N LEU B 39 -24.40 13.22 16.94
CA LEU B 39 -24.83 11.86 17.24
C LEU B 39 -25.95 11.40 16.33
N ALA B 40 -27.00 12.21 16.14
CA ALA B 40 -28.14 11.73 15.36
C ALA B 40 -27.72 11.51 13.90
N ARG B 41 -26.96 12.46 13.33
CA ARG B 41 -26.52 12.28 11.96
C ARG B 41 -25.47 11.16 11.86
N ALA B 42 -24.61 10.93 12.88
CA ALA B 42 -23.67 9.82 12.82
C ALA B 42 -24.36 8.48 12.50
N SER B 43 -25.60 8.28 12.97
CA SER B 43 -26.26 6.99 12.88
C SER B 43 -27.27 6.97 11.74
N LYS B 44 -27.40 8.08 11.04
CA LYS B 44 -28.34 8.16 9.93
C LYS B 44 -27.73 7.54 8.66
N GLU B 45 -28.53 6.76 7.94
CA GLU B 45 -28.07 6.05 6.75
C GLU B 45 -28.23 6.92 5.50
N TYR B 46 -27.17 7.00 4.70
CA TYR B 46 -27.22 7.62 3.37
C TYR B 46 -26.71 6.64 2.32
N LEU B 47 -27.06 6.88 1.05
CA LEU B 47 -26.55 6.01 -0.01
C LEU B 47 -25.04 6.16 -0.08
N PRO B 48 -24.29 5.05 -0.25
CA PRO B 48 -22.84 5.08 -0.13
C PRO B 48 -22.11 5.69 -1.32
N ALA B 49 -22.79 5.73 -2.45
CA ALA B 49 -22.21 6.17 -3.72
C ALA B 49 -20.90 5.41 -3.94
N SER B 50 -19.81 6.08 -4.29
CA SER B 50 -18.60 5.38 -4.70
C SER B 50 -17.87 4.73 -3.50
N THR B 51 -18.25 4.99 -2.24
CA THR B 51 -17.63 4.25 -1.14
C THR B 51 -18.04 2.76 -1.17
N PHE B 52 -19.12 2.43 -1.87
CA PHE B 52 -19.53 1.04 -2.09
C PHE B 52 -18.45 0.28 -2.87
N LYS B 53 -17.49 0.94 -3.54
CA LYS B 53 -16.46 0.16 -4.22
C LYS B 53 -15.61 -0.68 -3.27
N ILE B 54 -15.54 -0.34 -1.98
CA ILE B 54 -14.73 -1.15 -1.07
C ILE B 54 -15.38 -2.53 -0.92
N PRO B 55 -16.64 -2.67 -0.43
CA PRO B 55 -17.23 -4.00 -0.35
C PRO B 55 -17.36 -4.65 -1.73
N ASN B 56 -17.68 -3.85 -2.74
CA ASN B 56 -17.89 -4.38 -4.08
C ASN B 56 -16.62 -5.09 -4.57
N ALA B 57 -15.44 -4.52 -4.30
CA ALA B 57 -14.19 -5.14 -4.72
C ALA B 57 -13.96 -6.44 -3.93
N ILE B 58 -14.19 -6.42 -2.62
CA ILE B 58 -14.01 -7.63 -1.81
C ILE B 58 -14.91 -8.76 -2.35
N ILE B 59 -16.19 -8.47 -2.58
CA ILE B 59 -17.14 -9.42 -3.09
C ILE B 59 -16.74 -9.93 -4.48
N GLY B 60 -16.29 -9.03 -5.35
CA GLY B 60 -15.76 -9.43 -6.63
C GLY B 60 -14.67 -10.51 -6.52
N LEU B 61 -13.71 -10.30 -5.62
CA LEU B 61 -12.63 -11.27 -5.43
C LEU B 61 -13.16 -12.55 -4.79
N GLU B 62 -14.04 -12.43 -3.80
CA GLU B 62 -14.53 -13.58 -3.05
C GLU B 62 -15.28 -14.52 -3.98
N THR B 63 -16.07 -13.98 -4.90
CA THR B 63 -16.86 -14.84 -5.77
C THR B 63 -16.08 -15.31 -7.00
N GLY B 64 -14.82 -14.86 -7.15
CA GLY B 64 -14.01 -15.21 -8.30
C GLY B 64 -14.33 -14.41 -9.56
N VAL B 65 -15.25 -13.43 -9.50
CA VAL B 65 -15.56 -12.60 -10.64
C VAL B 65 -14.33 -11.76 -11.00
N ILE B 66 -13.62 -11.24 -10.00
CA ILE B 66 -12.29 -10.70 -10.18
C ILE B 66 -11.30 -11.82 -9.89
N LYS B 67 -10.43 -12.12 -10.86
CA LYS B 67 -9.62 -13.33 -10.80
C LYS B 67 -8.51 -13.17 -9.78
N ASN B 68 -7.86 -11.99 -9.76
CA ASN B 68 -6.82 -11.71 -8.78
C ASN B 68 -6.52 -10.23 -8.83
N GLU B 69 -5.56 -9.79 -8.03
CA GLU B 69 -5.20 -8.38 -7.93
C GLU B 69 -4.48 -7.87 -9.17
N HIS B 70 -4.07 -8.74 -10.11
CA HIS B 70 -3.37 -8.25 -11.31
C HIS B 70 -4.31 -8.22 -12.50
N GLN B 71 -5.60 -8.45 -12.30
CA GLN B 71 -6.49 -8.42 -13.45
C GLN B 71 -6.60 -7.00 -14.01
N VAL B 72 -6.61 -6.92 -15.35
CA VAL B 72 -6.74 -5.67 -16.06
C VAL B 72 -8.15 -5.61 -16.64
N PHE B 73 -8.85 -4.51 -16.35
CA PHE B 73 -10.18 -4.24 -16.87
C PHE B 73 -10.01 -3.41 -18.14
N LYS B 74 -10.22 -4.07 -19.31
CA LYS B 74 -9.99 -3.48 -20.62
C LYS B 74 -11.15 -2.54 -20.98
N TRP B 75 -10.80 -1.41 -21.59
CA TRP B 75 -11.78 -0.50 -22.15
C TRP B 75 -12.16 -0.99 -23.54
N ASP B 76 -13.46 -0.98 -23.86
CA ASP B 76 -13.92 -1.38 -25.18
C ASP B 76 -13.83 -0.24 -26.20
N GLY B 77 -13.27 0.93 -25.84
CA GLY B 77 -13.17 2.02 -26.79
C GLY B 77 -14.45 2.85 -26.96
N LYS B 78 -15.56 2.48 -26.30
CA LYS B 78 -16.82 3.21 -26.36
C LYS B 78 -16.86 4.28 -25.27
N PRO B 79 -17.65 5.36 -25.43
CA PRO B 79 -17.57 6.51 -24.52
C PRO B 79 -17.89 6.19 -23.07
N ARG B 80 -17.19 6.84 -22.16
CA ARG B 80 -17.50 6.72 -20.76
C ARG B 80 -17.63 8.11 -20.21
N ALA B 81 -18.32 8.25 -19.08
CA ALA B 81 -18.71 9.56 -18.61
C ALA B 81 -17.49 10.42 -18.27
N MET B 82 -16.38 9.81 -17.87
CA MET B 82 -15.25 10.58 -17.38
C MET B 82 -14.08 10.21 -18.29
N LYS B 83 -13.31 11.19 -18.78
CA LYS B 83 -12.15 10.89 -19.62
C LYS B 83 -11.16 9.94 -18.95
N GLN B 84 -10.99 10.08 -17.64
CA GLN B 84 -10.07 9.26 -16.87
C GLN B 84 -10.49 7.79 -16.86
N TRP B 85 -11.75 7.45 -17.22
CA TRP B 85 -12.17 6.06 -17.29
C TRP B 85 -11.95 5.44 -18.65
N GLU B 86 -11.53 6.26 -19.63
CA GLU B 86 -11.44 5.82 -21.01
C GLU B 86 -10.05 5.27 -21.26
N ARG B 87 -9.72 4.16 -20.59
CA ARG B 87 -8.43 3.49 -20.68
C ARG B 87 -8.55 2.17 -19.93
N ASP B 88 -7.57 1.29 -20.15
CA ASP B 88 -7.46 0.06 -19.36
C ASP B 88 -7.10 0.42 -17.92
N LEU B 89 -7.64 -0.32 -16.95
CA LEU B 89 -7.46 -0.03 -15.54
C LEU B 89 -7.09 -1.30 -14.78
N THR B 90 -6.21 -1.15 -13.78
CA THR B 90 -6.05 -2.19 -12.78
C THR B 90 -7.17 -2.04 -11.77
N LEU B 91 -7.25 -3.01 -10.86
CA LEU B 91 -8.24 -2.94 -9.80
C LEU B 91 -8.01 -1.70 -8.96
N ARG B 92 -6.76 -1.48 -8.58
CA ARG B 92 -6.42 -0.30 -7.79
C ARG B 92 -6.77 0.97 -8.58
N GLY B 93 -6.34 1.04 -9.84
CA GLY B 93 -6.70 2.17 -10.69
C GLY B 93 -8.21 2.44 -10.79
N ALA B 94 -9.01 1.38 -10.90
CA ALA B 94 -10.45 1.53 -11.09
C ALA B 94 -11.06 2.08 -9.81
N ILE B 95 -10.55 1.62 -8.67
CA ILE B 95 -10.99 2.13 -7.38
C ILE B 95 -10.56 3.57 -7.23
N GLN B 96 -9.30 3.89 -7.57
CA GLN B 96 -8.78 5.21 -7.28
C GLN B 96 -9.42 6.31 -8.14
N VAL B 97 -9.77 6.01 -9.39
CA VAL B 97 -10.43 6.96 -10.25
C VAL B 97 -11.96 6.78 -10.17
N SER B 98 -12.44 5.85 -9.32
CA SER B 98 -13.85 5.62 -9.14
C SER B 98 -14.58 5.28 -10.45
N ALA B 99 -14.13 4.23 -11.14
CA ALA B 99 -14.64 3.84 -12.46
C ALA B 99 -15.90 3.00 -12.30
N VAL B 100 -17.02 3.71 -12.20
CA VAL B 100 -18.34 3.16 -12.03
C VAL B 100 -18.62 2.05 -13.03
N PRO B 101 -18.38 2.17 -14.36
CA PRO B 101 -18.74 1.11 -15.29
C PRO B 101 -18.02 -0.23 -15.08
N VAL B 102 -16.76 -0.17 -14.65
CA VAL B 102 -16.01 -1.34 -14.28
C VAL B 102 -16.79 -2.07 -13.18
N PHE B 103 -17.21 -1.33 -12.15
CA PHE B 103 -17.86 -1.93 -10.98
C PHE B 103 -19.30 -2.36 -11.28
N GLN B 104 -20.03 -1.64 -12.14
CA GLN B 104 -21.33 -2.09 -12.62
C GLN B 104 -21.19 -3.47 -13.27
N GLN B 105 -20.15 -3.65 -14.07
CA GLN B 105 -19.92 -4.92 -14.75
C GLN B 105 -19.58 -6.01 -13.72
N ILE B 106 -18.72 -5.69 -12.73
CA ILE B 106 -18.43 -6.64 -11.66
C ILE B 106 -19.75 -7.05 -10.99
N THR B 107 -20.57 -6.06 -10.65
CA THR B 107 -21.79 -6.30 -9.90
C THR B 107 -22.77 -7.19 -10.67
N ARG B 108 -22.92 -6.95 -11.97
CA ARG B 108 -23.78 -7.71 -12.86
C ARG B 108 -23.41 -9.19 -12.86
N GLU B 109 -22.12 -9.48 -12.90
CA GLU B 109 -21.58 -10.84 -12.88
C GLU B 109 -21.78 -11.50 -11.51
N VAL B 110 -21.62 -10.73 -10.44
CA VAL B 110 -21.85 -11.25 -9.11
C VAL B 110 -23.31 -11.70 -8.96
N GLY B 111 -24.24 -10.83 -9.37
CA GLY B 111 -25.68 -11.08 -9.30
C GLY B 111 -26.29 -10.71 -7.95
N GLU B 112 -27.63 -10.64 -7.90
CA GLU B 112 -28.38 -10.16 -6.75
C GLU B 112 -28.19 -11.08 -5.53
N VAL B 113 -28.19 -12.39 -5.76
CA VAL B 113 -28.25 -13.34 -4.66
C VAL B 113 -26.95 -13.30 -3.86
N ARG B 114 -25.81 -13.39 -4.55
CA ARG B 114 -24.47 -13.34 -3.96
C ARG B 114 -24.17 -11.97 -3.36
N MET B 115 -24.64 -10.92 -4.02
CA MET B 115 -24.51 -9.59 -3.45
C MET B 115 -25.21 -9.54 -2.10
N GLN B 116 -26.47 -10.01 -2.05
CA GLN B 116 -27.27 -9.94 -0.84
C GLN B 116 -26.53 -10.63 0.30
N LYS B 117 -26.03 -11.82 0.01
CA LYS B 117 -25.38 -12.65 1.01
C LYS B 117 -24.21 -11.91 1.65
N TYR B 118 -23.31 -11.32 0.84
CA TYR B 118 -22.11 -10.70 1.40
C TYR B 118 -22.45 -9.38 2.13
N LEU B 119 -23.48 -8.66 1.70
CA LEU B 119 -23.87 -7.44 2.42
C LEU B 119 -24.37 -7.83 3.82
N LYS B 120 -25.03 -8.97 3.90
CA LYS B 120 -25.46 -9.51 5.18
C LYS B 120 -24.25 -9.91 6.03
N LYS B 121 -23.30 -10.65 5.45
CA LYS B 121 -22.14 -11.07 6.21
C LYS B 121 -21.31 -9.87 6.69
N PHE B 122 -21.29 -8.79 5.92
CA PHE B 122 -20.49 -7.62 6.24
C PHE B 122 -21.24 -6.65 7.16
N SER B 123 -22.52 -6.92 7.46
CA SER B 123 -23.43 -5.95 8.11
C SER B 123 -23.36 -4.58 7.43
N TYR B 124 -23.50 -4.54 6.12
CA TYR B 124 -23.30 -3.31 5.38
C TYR B 124 -24.64 -2.60 5.23
N GLY B 125 -24.85 -1.63 6.12
CA GLY B 125 -25.96 -0.72 5.96
C GLY B 125 -27.29 -1.42 6.16
N ASN B 126 -28.33 -0.92 5.47
CA ASN B 126 -29.63 -1.54 5.50
C ASN B 126 -29.65 -2.83 4.67
N GLN B 127 -28.51 -3.26 4.09
CA GLN B 127 -28.43 -4.49 3.30
C GLN B 127 -29.55 -4.62 2.26
N ASN B 128 -30.01 -3.48 1.71
CA ASN B 128 -31.11 -3.48 0.77
C ASN B 128 -30.61 -3.45 -0.67
N ILE B 129 -30.85 -4.53 -1.43
CA ILE B 129 -30.39 -4.60 -2.82
C ILE B 129 -31.55 -4.45 -3.79
N SER B 130 -32.71 -3.98 -3.35
CA SER B 130 -33.87 -3.94 -4.23
C SER B 130 -33.73 -2.86 -5.31
N GLY B 131 -34.51 -3.04 -6.39
CA GLY B 131 -34.53 -2.09 -7.51
C GLY B 131 -33.97 -2.68 -8.80
N GLY B 132 -33.16 -3.74 -8.67
CA GLY B 132 -32.47 -4.36 -9.79
C GLY B 132 -30.95 -4.28 -9.61
N ILE B 133 -30.24 -5.29 -10.13
CA ILE B 133 -28.79 -5.36 -10.00
C ILE B 133 -28.13 -4.12 -10.62
N ASP B 134 -28.79 -3.46 -11.59
CA ASP B 134 -28.24 -2.25 -12.19
C ASP B 134 -28.69 -0.97 -11.48
N LYS B 135 -28.64 -0.86 -10.13
CA LYS B 135 -28.93 0.44 -9.51
C LYS B 135 -28.78 0.58 -7.99
N PHE B 136 -28.75 -0.50 -7.19
CA PHE B 136 -29.08 -0.37 -5.77
C PHE B 136 -28.13 0.58 -5.00
N TRP B 137 -26.83 0.68 -5.34
CA TRP B 137 -25.90 1.54 -4.61
C TRP B 137 -25.94 3.00 -5.13
N LEU B 138 -26.64 3.11 -6.28
CA LEU B 138 -26.65 4.21 -7.25
C LEU B 138 -28.05 4.82 -7.34
N GLU B 139 -28.93 4.25 -8.21
CA GLU B 139 -30.36 4.52 -8.23
C GLU B 139 -31.14 3.52 -7.37
N GLY B 140 -30.68 3.24 -6.15
CA GLY B 140 -31.25 2.14 -5.38
C GLY B 140 -31.51 2.45 -3.90
N GLN B 141 -31.76 1.38 -3.15
CA GLN B 141 -32.24 1.49 -1.79
C GLN B 141 -31.14 1.22 -0.75
N LEU B 142 -29.89 0.93 -1.15
CA LEU B 142 -28.87 0.67 -0.14
C LEU B 142 -28.43 1.98 0.50
N ARG B 143 -28.45 2.02 1.83
CA ARG B 143 -28.01 3.15 2.64
C ARG B 143 -27.16 2.64 3.80
N ILE B 144 -26.21 3.48 4.26
CA ILE B 144 -25.33 3.16 5.36
C ILE B 144 -24.97 4.45 6.12
N SER B 145 -24.75 4.34 7.45
CA SER B 145 -24.38 5.48 8.29
C SER B 145 -22.87 5.60 8.43
N ALA B 146 -22.43 6.73 8.94
CA ALA B 146 -21.01 6.98 9.15
C ALA B 146 -20.45 6.02 10.21
N VAL B 147 -21.26 5.71 11.21
CA VAL B 147 -20.91 4.79 12.26
C VAL B 147 -20.68 3.40 11.65
N ASN B 148 -21.59 2.99 10.79
CA ASN B 148 -21.54 1.66 10.18
C ASN B 148 -20.35 1.56 9.23
N GLN B 149 -19.96 2.67 8.57
CA GLN B 149 -18.77 2.69 7.74
C GLN B 149 -17.52 2.49 8.58
N VAL B 150 -17.45 3.21 9.71
CA VAL B 150 -16.30 3.10 10.58
C VAL B 150 -16.17 1.67 11.12
N GLU B 151 -17.30 1.03 11.45
CA GLU B 151 -17.29 -0.35 11.91
C GLU B 151 -16.81 -1.29 10.82
N PHE B 152 -17.32 -1.07 9.59
CA PHE B 152 -16.93 -1.86 8.43
C PHE B 152 -15.42 -1.71 8.17
N LEU B 153 -14.91 -0.47 8.18
CA LEU B 153 -13.52 -0.23 7.89
C LEU B 153 -12.60 -0.79 9.00
N GLU B 154 -13.05 -0.74 10.25
CA GLU B 154 -12.26 -1.33 11.33
C GLU B 154 -12.15 -2.84 11.09
N SER B 155 -13.24 -3.46 10.67
CA SER B 155 -13.17 -4.89 10.43
C SER B 155 -12.16 -5.18 9.32
N LEU B 156 -12.19 -4.35 8.28
CA LEU B 156 -11.32 -4.57 7.14
C LEU B 156 -9.87 -4.41 7.61
N TYR B 157 -9.60 -3.39 8.42
CA TYR B 157 -8.24 -3.15 8.87
C TYR B 157 -7.71 -4.37 9.62
N LEU B 158 -8.58 -4.99 10.42
CA LEU B 158 -8.20 -6.08 11.29
C LEU B 158 -8.26 -7.40 10.53
N ASN B 159 -8.61 -7.37 9.24
CA ASN B 159 -8.83 -8.57 8.46
C ASN B 159 -9.85 -9.46 9.13
N LYS B 160 -10.93 -8.87 9.66
CA LYS B 160 -11.96 -9.65 10.32
C LYS B 160 -13.26 -9.73 9.53
N LEU B 161 -13.38 -9.16 8.33
CA LEU B 161 -14.57 -9.42 7.53
C LEU B 161 -14.67 -10.90 7.20
N SER B 162 -15.88 -11.37 6.90
CA SER B 162 -16.06 -12.76 6.44
C SER B 162 -15.69 -12.85 4.96
N ALA B 163 -14.38 -12.95 4.74
CA ALA B 163 -13.75 -12.97 3.44
C ALA B 163 -12.34 -13.44 3.73
N SER B 164 -11.64 -13.98 2.74
CA SER B 164 -10.28 -14.40 3.00
C SER B 164 -9.44 -13.19 3.35
N LYS B 165 -8.44 -13.43 4.19
CA LYS B 165 -7.47 -12.42 4.57
C LYS B 165 -6.77 -11.84 3.34
N GLU B 166 -6.48 -12.70 2.36
CA GLU B 166 -5.73 -12.24 1.21
C GLU B 166 -6.57 -11.28 0.37
N ASN B 167 -7.88 -11.53 0.23
CA ASN B 167 -8.77 -10.60 -0.48
C ASN B 167 -8.89 -9.24 0.22
N GLN B 168 -8.92 -9.24 1.55
CA GLN B 168 -8.98 -8.02 2.34
C GLN B 168 -7.70 -7.24 2.17
N LEU B 169 -6.56 -7.95 2.13
CA LEU B 169 -5.27 -7.32 1.93
C LEU B 169 -5.15 -6.69 0.52
N ILE B 170 -5.64 -7.40 -0.48
CA ILE B 170 -5.66 -6.89 -1.85
C ILE B 170 -6.40 -5.56 -1.90
N VAL B 171 -7.61 -5.54 -1.32
CA VAL B 171 -8.42 -4.36 -1.37
C VAL B 171 -7.78 -3.24 -0.56
N LYS B 172 -7.12 -3.56 0.56
CA LYS B 172 -6.46 -2.51 1.34
C LYS B 172 -5.34 -1.84 0.55
N GLU B 173 -4.52 -2.61 -0.18
CA GLU B 173 -3.48 -1.98 -0.97
C GLU B 173 -4.05 -1.07 -2.07
N ALA B 174 -5.22 -1.40 -2.59
CA ALA B 174 -5.86 -0.60 -3.59
C ALA B 174 -6.33 0.72 -3.01
N LEU B 175 -6.49 0.79 -1.67
CA LEU B 175 -7.07 1.96 -1.04
C LEU B 175 -6.02 2.96 -0.55
N VAL B 176 -4.74 2.63 -0.60
CA VAL B 176 -3.71 3.49 -0.05
C VAL B 176 -3.68 4.80 -0.84
N THR B 177 -3.69 5.95 -0.13
CA THR B 177 -3.70 7.22 -0.83
C THR B 177 -2.53 8.13 -0.43
N GLU B 178 -1.88 7.89 0.71
CA GLU B 178 -0.63 8.55 1.04
C GLU B 178 0.24 7.55 1.76
N ALA B 179 1.53 7.57 1.44
CA ALA B 179 2.48 6.68 2.06
C ALA B 179 3.72 7.50 2.42
N ALA B 180 4.13 7.36 3.68
CA ALA B 180 5.38 7.91 4.17
C ALA B 180 5.89 6.90 5.19
N PRO B 181 7.19 6.95 5.58
CA PRO B 181 7.75 5.98 6.51
C PRO B 181 6.95 5.71 7.79
N GLU B 182 6.34 6.74 8.38
CA GLU B 182 5.57 6.50 9.60
C GLU B 182 4.19 7.17 9.55
N TYR B 183 3.63 7.30 8.33
CA TYR B 183 2.30 7.85 8.11
C TYR B 183 1.67 7.15 6.90
N LEU B 184 0.52 6.49 7.07
CA LEU B 184 -0.10 5.75 5.98
C LEU B 184 -1.59 6.08 5.97
N VAL B 185 -2.15 6.49 4.82
CA VAL B 185 -3.57 6.78 4.69
C VAL B 185 -4.21 5.84 3.68
N HIS B 186 -5.34 5.26 4.08
CA HIS B 186 -6.22 4.54 3.18
C HIS B 186 -7.54 5.30 3.15
N SER B 187 -8.09 5.62 1.97
CA SER B 187 -9.29 6.45 1.94
C SER B 187 -10.08 6.23 0.66
N LYS B 188 -11.37 6.56 0.70
CA LYS B 188 -12.22 6.52 -0.48
C LYS B 188 -13.24 7.63 -0.40
N THR B 189 -13.49 8.28 -1.56
CA THR B 189 -14.49 9.32 -1.73
C THR B 189 -15.78 8.74 -2.31
N GLY B 190 -16.84 9.56 -2.25
CA GLY B 190 -18.11 9.31 -2.89
C GLY B 190 -18.83 10.64 -3.11
N PHE B 191 -19.72 10.69 -4.11
CA PHE B 191 -20.51 11.88 -4.41
C PHE B 191 -21.69 11.43 -5.27
N SER B 192 -22.92 11.64 -4.79
CA SER B 192 -24.09 11.12 -5.49
C SER B 192 -24.67 12.12 -6.48
N GLY B 193 -24.13 13.35 -6.54
CA GLY B 193 -24.74 14.41 -7.33
C GLY B 193 -25.24 15.56 -6.46
N VAL B 194 -25.95 16.51 -7.07
CA VAL B 194 -26.34 17.76 -6.44
C VAL B 194 -27.77 17.69 -5.88
N GLY B 195 -28.51 16.63 -6.21
CA GLY B 195 -29.94 16.54 -5.96
C GLY B 195 -30.64 17.88 -6.20
N THR B 196 -31.50 18.28 -5.24
CA THR B 196 -32.15 19.58 -5.24
C THR B 196 -31.73 20.31 -3.95
N GLU B 197 -32.06 21.61 -3.87
CA GLU B 197 -32.04 22.35 -2.62
C GLU B 197 -32.86 21.60 -1.56
N SER B 198 -34.04 21.08 -1.97
CA SER B 198 -34.96 20.41 -1.06
C SER B 198 -34.51 18.99 -0.70
N ASN B 199 -33.80 18.33 -1.64
CA ASN B 199 -33.32 16.95 -1.45
C ASN B 199 -31.88 16.85 -1.92
N PRO B 200 -30.90 17.36 -1.13
CA PRO B 200 -29.52 17.41 -1.57
C PRO B 200 -28.93 16.03 -1.83
N GLY B 201 -27.84 16.02 -2.60
CA GLY B 201 -27.03 14.84 -2.74
C GLY B 201 -26.18 14.66 -1.49
N VAL B 202 -25.34 13.63 -1.51
CA VAL B 202 -24.42 13.38 -0.42
C VAL B 202 -23.02 13.25 -0.99
N ALA B 203 -22.05 13.67 -0.19
CA ALA B 203 -20.66 13.45 -0.50
C ALA B 203 -20.04 12.78 0.71
N TRP B 204 -19.07 11.90 0.48
CA TRP B 204 -18.44 11.12 1.51
C TRP B 204 -16.92 11.24 1.44
N TRP B 205 -16.29 10.98 2.56
CA TRP B 205 -14.89 10.59 2.60
C TRP B 205 -14.71 9.67 3.79
N VAL B 206 -14.17 8.47 3.55
CA VAL B 206 -14.02 7.48 4.60
C VAL B 206 -12.63 6.89 4.51
N GLY B 207 -12.08 6.46 5.63
CA GLY B 207 -10.83 5.74 5.56
C GLY B 207 -10.25 5.54 6.93
N TRP B 208 -8.92 5.37 6.96
CA TRP B 208 -8.20 5.35 8.21
C TRP B 208 -6.78 5.85 7.98
N VAL B 209 -6.17 6.32 9.08
CA VAL B 209 -4.84 6.88 9.12
C VAL B 209 -4.04 6.11 10.15
N GLU B 210 -2.89 5.58 9.71
CA GLU B 210 -1.90 4.99 10.59
C GLU B 210 -0.78 5.99 10.83
N LYS B 211 -0.51 6.27 12.10
CA LYS B 211 0.55 7.18 12.50
C LYS B 211 1.32 6.55 13.64
N GLU B 212 2.61 6.26 13.38
CA GLU B 212 3.45 5.59 14.35
C GLU B 212 2.76 4.28 14.66
N THR B 213 2.41 4.04 15.93
CA THR B 213 1.79 2.77 16.30
C THR B 213 0.32 2.97 16.65
N GLU B 214 -0.30 4.11 16.28
CA GLU B 214 -1.74 4.31 16.47
C GLU B 214 -2.47 4.17 15.14
N VAL B 215 -3.76 3.86 15.21
CA VAL B 215 -4.62 3.93 14.05
C VAL B 215 -5.88 4.75 14.40
N TYR B 216 -6.36 5.51 13.41
CA TYR B 216 -7.57 6.30 13.54
C TYR B 216 -8.52 6.00 12.36
N PHE B 217 -9.77 5.65 12.65
CA PHE B 217 -10.78 5.42 11.62
C PHE B 217 -11.68 6.64 11.49
N PHE B 218 -12.09 6.98 10.27
CA PHE B 218 -12.88 8.17 10.05
C PHE B 218 -13.93 7.91 8.97
N ALA B 219 -15.09 8.55 9.13
CA ALA B 219 -16.09 8.65 8.08
C ALA B 219 -16.73 10.04 8.15
N PHE B 220 -16.82 10.66 6.97
CA PHE B 220 -17.39 11.98 6.81
C PHE B 220 -18.49 11.90 5.76
N ASN B 221 -19.65 12.52 6.04
CA ASN B 221 -20.57 12.80 4.95
C ASN B 221 -21.18 14.20 5.09
N MET B 222 -21.75 14.69 4.00
CA MET B 222 -22.41 15.99 4.01
C MET B 222 -23.44 16.06 2.90
N ASP B 223 -24.48 16.88 3.14
CA ASP B 223 -25.45 17.28 2.13
C ASP B 223 -24.77 18.22 1.15
N ILE B 224 -25.03 18.03 -0.15
CA ILE B 224 -24.39 18.89 -1.13
C ILE B 224 -25.40 19.18 -2.25
N ASP B 225 -25.60 20.47 -2.51
CA ASP B 225 -26.51 20.91 -3.58
C ASP B 225 -25.73 21.78 -4.57
N ASN B 226 -24.40 21.89 -4.39
CA ASN B 226 -23.54 22.70 -5.24
C ASN B 226 -22.17 22.05 -5.39
N GLU B 227 -21.84 21.66 -6.63
CA GLU B 227 -20.61 20.91 -6.94
C GLU B 227 -19.37 21.66 -6.43
N SER B 228 -19.43 22.98 -6.31
CA SER B 228 -18.25 23.73 -5.92
C SER B 228 -17.90 23.46 -4.45
N LYS B 229 -18.82 22.85 -3.69
CA LYS B 229 -18.57 22.58 -2.28
C LYS B 229 -17.82 21.27 -2.06
N LEU B 230 -17.64 20.48 -3.12
CA LEU B 230 -17.17 19.10 -3.03
C LEU B 230 -15.86 19.00 -2.25
N PRO B 231 -14.86 19.88 -2.48
CA PRO B 231 -13.58 19.74 -1.78
C PRO B 231 -13.67 19.75 -0.25
N LEU B 232 -14.79 20.22 0.30
CA LEU B 232 -14.99 20.24 1.74
C LEU B 232 -14.98 18.83 2.34
N ARG B 233 -15.31 17.80 1.52
CA ARG B 233 -15.32 16.43 2.00
C ARG B 233 -13.92 15.99 2.42
N LYS B 234 -12.88 16.64 1.91
CA LYS B 234 -11.53 16.40 2.41
C LYS B 234 -11.03 17.49 3.36
N SER B 235 -11.34 18.77 3.13
CA SER B 235 -10.74 19.83 3.95
C SER B 235 -11.35 19.88 5.35
N ILE B 236 -12.64 19.55 5.50
CA ILE B 236 -13.21 19.62 6.83
C ILE B 236 -12.68 18.48 7.71
N PRO B 237 -12.70 17.19 7.29
CA PRO B 237 -12.07 16.16 8.08
C PRO B 237 -10.59 16.44 8.37
N THR B 238 -9.88 16.95 7.36
CA THR B 238 -8.46 17.27 7.51
C THR B 238 -8.27 18.26 8.66
N LYS B 239 -9.07 19.34 8.67
CA LYS B 239 -8.91 20.37 9.69
C LYS B 239 -9.13 19.79 11.09
N ILE B 240 -10.21 19.02 11.26
CA ILE B 240 -10.49 18.38 12.54
C ILE B 240 -9.37 17.42 12.92
N MET B 241 -8.84 16.67 11.95
CA MET B 241 -7.82 15.69 12.31
C MET B 241 -6.53 16.40 12.67
N GLU B 242 -6.28 17.56 12.04
CA GLU B 242 -5.12 18.37 12.36
C GLU B 242 -5.22 18.89 13.80
N SER B 243 -6.40 19.39 14.17
CA SER B 243 -6.58 20.00 15.48
C SER B 243 -6.44 18.94 16.57
N GLU B 244 -6.68 17.66 16.23
CA GLU B 244 -6.47 16.55 17.16
C GLU B 244 -5.03 16.04 17.12
N GLY B 245 -4.16 16.69 16.33
CA GLY B 245 -2.76 16.31 16.22
C GLY B 245 -2.52 15.10 15.31
N ILE B 246 -3.51 14.71 14.51
CA ILE B 246 -3.33 13.54 13.67
C ILE B 246 -2.54 13.96 12.43
N ILE B 247 -3.07 14.87 11.61
CA ILE B 247 -2.41 15.13 10.34
C ILE B 247 -1.02 15.73 10.66
N GLY B 248 -0.02 14.84 10.59
CA GLY B 248 1.36 15.16 10.92
C GLY B 248 2.32 14.51 9.93
C CTJ C . 20.68 -0.92 6.01
O CTJ C . 21.20 -1.09 4.89
S1 CTJ C . 20.97 2.63 8.14
C2 CTJ C . 20.06 4.09 7.78
C3 CTJ C . 20.00 4.32 6.30
C4 CTJ C . 19.87 3.22 5.51
N5 CTJ C . 19.87 1.93 5.88
C6 CTJ C . 20.30 1.33 7.13
CA CTJ C . 21.30 0.32 6.58
N10 CTJ C . 22.60 0.04 7.21
C11 CTJ C . 23.12 -0.11 8.42
O12 CTJ C . 22.51 -0.18 9.46
C13 CTJ C . 24.60 -0.11 8.34
C14 CTJ C . 25.34 -1.30 7.87
C15 CTJ C . 26.73 -1.47 8.03
N16 CTJ C . 25.30 0.96 8.47
S16 CTJ C . 27.28 -2.92 7.27
C17 CTJ C . 25.64 -3.22 6.77
O17 CTJ C . 24.84 2.08 8.80
C18 CTJ C . 25.65 3.27 8.90
N18 CTJ C . 25.29 -4.28 6.06
C19 CTJ C . 27.10 3.06 8.46
N19 CTJ C . 24.74 -2.29 7.13
C20 CTJ C . 24.99 4.36 8.03
C21 CTJ C . 25.61 3.70 10.35
O2A CTJ C . 26.64 4.01 10.95
O2B CTJ C . 24.46 3.72 11.01
C3' CTJ C . 20.07 5.77 5.76
C4' CTJ C . 19.79 3.28 4.07
O4A CTJ C . 19.93 4.32 3.47
O4B CTJ C . 19.63 2.14 3.41
N6 CTJ C . 21.00 6.78 6.37
C26 CTJ C . 20.53 8.00 6.74
C25 CTJ C . 21.35 8.98 7.31
C24 CTJ C . 22.70 8.70 7.50
C23 CTJ C . 23.19 7.46 7.11
C22 CTJ C . 22.32 6.52 6.54
C CTJ D . -19.10 7.88 -6.84
O CTJ D . -19.28 8.44 -5.77
S1 CTJ D . -18.20 9.40 -10.38
C2 CTJ D . -16.83 10.46 -10.71
C3 CTJ D . -16.23 11.20 -9.53
C4 CTJ D . -16.70 11.06 -8.27
N5 CTJ D . -17.49 10.08 -7.86
C6 CTJ D . -18.07 9.00 -8.65
CA CTJ D . -19.43 8.83 -7.96
N10 CTJ D . -20.34 8.22 -8.76
C11 CTJ D . -21.46 8.49 -9.33
O12 CTJ D . -21.62 7.65 -10.21
C13 CTJ D . -22.47 9.55 -9.21
C14 CTJ D . -23.74 9.08 -8.68
C15 CTJ D . -25.03 9.40 -9.20
N16 CTJ D . -22.13 10.66 -9.72
S16 CTJ D . -26.27 8.56 -8.30
C17 CTJ D . -25.06 7.84 -7.31
O17 CTJ D . -22.67 11.78 -9.85
C18 CTJ D . -21.95 12.82 -10.58
N18 CTJ D . -25.41 7.03 -6.31
C19 CTJ D . -20.46 12.55 -10.82
N19 CTJ D . -23.78 8.15 -7.65
C20 CTJ D . -22.09 14.14 -9.81
C21 CTJ D . -22.53 12.92 -11.99
O2A CTJ D . -22.57 13.98 -12.66
O2B CTJ D . -22.97 11.77 -12.49
C3' CTJ D . -15.08 12.12 -9.94
C4' CTJ D . -16.33 11.89 -7.13
O4A CTJ D . -15.86 13.02 -7.23
O4B CTJ D . -16.48 11.37 -5.91
N6 CTJ D . -13.66 11.62 -9.79
C26 CTJ D . -12.94 11.95 -8.68
C25 CTJ D . -11.61 11.53 -8.53
C24 CTJ D . -11.01 10.77 -9.54
C23 CTJ D . -11.75 10.45 -10.68
C22 CTJ D . -13.08 10.90 -10.79
#